data_1WTC
#
_entry.id   1WTC
#
_cell.length_a   69.426
_cell.length_b   148.092
_cell.length_c   64.662
_cell.angle_alpha   90.00
_cell.angle_beta   90.00
_cell.angle_gamma   90.00
#
_symmetry.space_group_name_H-M   'C 2 2 21'
#
loop_
_entity.id
_entity.type
_entity.pdbx_description
1 polymer 'Hypothetical protein C320.14 in chromosome III'
2 non-polymer 'MAGNESIUM ION'
3 non-polymer "PYRIDOXAL-5'-PHOSPHATE"
4 non-polymer 'PHOSPHOMETHYLPHOSPHONIC ACID ADENYLATE ESTER'
5 water water
#
_entity_poly.entity_id   1
_entity_poly.type   'polypeptide(L)'
_entity_poly.pdbx_seq_one_letter_code
;MSDNLVLPTYDDVASASERIKKFANKTPVLTSSTVNKEFVAEVFFKCENFQKMGAFKFRGALNALSQLNEAQRKAGVLTF
SSGNHAQAIALSAKILGIPAKIIMPLDAPEAKVAATKGYGGQVIMYDRYKDDREKMAKEISEREGLTIIPPYDHPHVLAG
QGTAAKELFEEVGPLDALFVCLGGGGLLSGSALAARHFAPNCEVYGVEPEAGNDGQQSFRKGSIVHIDTPKTIADGAQTQ
HLGNYTFSIIKEKVDDILTVSDEELIDCLKFYAARMKIVVEPTGCLSFAAARAMKEKLKNKRIGIIISGGNVDIERYAHF
LSQ
;
_entity_poly.pdbx_strand_id   A
#
# COMPACT_ATOMS: atom_id res chain seq x y z
N VAL A 6 4.60 21.79 1.85
CA VAL A 6 5.19 21.04 0.71
C VAL A 6 5.33 19.57 1.06
N LEU A 7 5.73 19.29 2.30
CA LEU A 7 5.91 17.91 2.73
C LEU A 7 5.34 17.61 4.11
N PRO A 8 4.61 16.49 4.23
CA PRO A 8 3.99 16.07 5.49
C PRO A 8 5.06 15.69 6.51
N THR A 9 4.67 15.66 7.79
CA THR A 9 5.59 15.31 8.87
C THR A 9 4.90 14.31 9.78
N TYR A 10 5.62 13.79 10.76
CA TYR A 10 4.98 12.83 11.65
C TYR A 10 3.66 13.41 12.16
N ASP A 11 3.63 14.72 12.40
CA ASP A 11 2.43 15.41 12.89
C ASP A 11 1.20 15.08 12.06
N ASP A 12 1.32 15.18 10.74
CA ASP A 12 0.20 14.89 9.86
C ASP A 12 -0.22 13.43 10.01
N VAL A 13 0.76 12.56 10.22
CA VAL A 13 0.46 11.14 10.41
C VAL A 13 -0.31 10.98 11.72
N ALA A 14 0.13 11.71 12.74
CA ALA A 14 -0.52 11.67 14.04
C ALA A 14 -1.94 12.23 13.95
N SER A 15 -2.13 13.25 13.11
CA SER A 15 -3.46 13.83 12.95
C SER A 15 -4.32 12.89 12.13
N ALA A 16 -3.73 12.30 11.08
CA ALA A 16 -4.45 11.37 10.23
C ALA A 16 -4.99 10.24 11.12
N SER A 17 -4.18 9.82 12.10
CA SER A 17 -4.60 8.76 13.02
C SER A 17 -5.89 9.16 13.72
N GLU A 18 -5.94 10.40 14.18
CA GLU A 18 -7.11 10.93 14.87
C GLU A 18 -8.28 11.08 13.90
N ARG A 19 -7.98 11.50 12.68
CA ARG A 19 -8.98 11.73 11.65
C ARG A 19 -9.68 10.48 11.12
N ILE A 20 -9.00 9.34 11.17
CA ILE A 20 -9.56 8.10 10.66
C ILE A 20 -9.96 7.12 11.75
N LYS A 21 -9.65 7.46 13.00
CA LYS A 21 -9.91 6.59 14.14
C LYS A 21 -11.32 6.00 14.30
N LYS A 22 -12.34 6.76 13.91
CA LYS A 22 -13.71 6.29 14.05
C LYS A 22 -14.06 5.19 13.05
N PHE A 23 -13.26 5.03 12.00
CA PHE A 23 -13.56 4.02 10.99
C PHE A 23 -12.50 2.98 10.64
N ALA A 24 -11.22 3.33 10.78
CA ALA A 24 -10.16 2.38 10.43
C ALA A 24 -10.04 1.26 11.47
N ASN A 25 -9.47 0.13 11.05
CA ASN A 25 -9.26 -1.00 11.95
C ASN A 25 -7.85 -0.88 12.52
N LYS A 26 -7.70 -1.19 13.81
CA LYS A 26 -6.38 -1.17 14.43
C LYS A 26 -5.91 -2.59 14.15
N THR A 27 -5.33 -2.77 12.97
CA THR A 27 -4.87 -4.09 12.54
C THR A 27 -3.92 -4.75 13.56
N PRO A 28 -4.02 -6.07 13.73
CA PRO A 28 -3.17 -6.79 14.68
C PRO A 28 -1.71 -6.92 14.24
N VAL A 29 -0.87 -7.15 15.24
CA VAL A 29 0.56 -7.37 15.03
C VAL A 29 0.71 -8.85 15.33
N LEU A 30 1.13 -9.61 14.33
CA LEU A 30 1.30 -11.03 14.50
C LEU A 30 2.75 -11.36 14.71
N THR A 31 2.99 -12.51 15.34
CA THR A 31 4.34 -12.97 15.59
C THR A 31 4.42 -14.45 15.28
N SER A 32 5.60 -14.91 14.90
CA SER A 32 5.83 -16.31 14.58
C SER A 32 7.12 -16.78 15.25
N SER A 33 7.03 -17.81 16.07
CA SER A 33 8.22 -18.34 16.73
C SER A 33 9.13 -18.90 15.63
N THR A 34 8.50 -19.42 14.59
CA THR A 34 9.22 -20.00 13.47
C THR A 34 10.05 -18.94 12.75
N VAL A 35 9.48 -17.76 12.54
CA VAL A 35 10.20 -16.69 11.87
C VAL A 35 11.34 -16.21 12.76
N ASN A 36 11.06 -16.07 14.05
CA ASN A 36 12.06 -15.60 15.00
C ASN A 36 13.29 -16.52 15.06
N LYS A 37 13.05 -17.84 15.08
CA LYS A 37 14.14 -18.80 15.13
C LYS A 37 14.98 -18.67 13.87
N GLU A 38 14.29 -18.57 12.74
CA GLU A 38 14.93 -18.43 11.43
C GLU A 38 15.85 -17.21 11.39
N PHE A 39 15.35 -16.08 11.90
CA PHE A 39 16.09 -14.82 11.91
C PHE A 39 16.98 -14.62 13.16
N VAL A 40 16.80 -15.46 14.17
CA VAL A 40 17.56 -15.30 15.41
C VAL A 40 17.26 -13.88 15.88
N ALA A 41 15.99 -13.52 15.85
CA ALA A 41 15.56 -12.18 16.24
C ALA A 41 14.07 -12.19 16.57
N GLU A 42 13.49 -11.01 16.76
CA GLU A 42 12.06 -10.88 17.06
C GLU A 42 11.42 -10.14 15.90
N VAL A 43 10.49 -10.77 15.21
CA VAL A 43 9.86 -10.12 14.07
C VAL A 43 8.40 -9.78 14.33
N PHE A 44 8.01 -8.59 13.89
CA PHE A 44 6.65 -8.10 14.09
C PHE A 44 5.94 -7.81 12.77
N PHE A 45 4.79 -8.44 12.58
CA PHE A 45 4.00 -8.27 11.37
C PHE A 45 2.74 -7.43 11.57
N LYS A 46 2.70 -6.27 10.91
CA LYS A 46 1.54 -5.37 10.98
C LYS A 46 0.70 -5.85 9.80
N CYS A 47 -0.44 -6.46 10.11
CA CYS A 47 -1.29 -7.06 9.10
C CYS A 47 -2.42 -6.21 8.55
N GLU A 48 -2.10 -5.43 7.54
CA GLU A 48 -3.09 -4.57 6.91
C GLU A 48 -4.01 -5.34 5.96
N ASN A 49 -3.77 -6.65 5.83
CA ASN A 49 -4.65 -7.46 5.01
C ASN A 49 -5.97 -7.52 5.78
N PHE A 50 -5.91 -7.19 7.08
CA PHE A 50 -7.09 -7.20 7.95
C PHE A 50 -7.77 -5.85 8.07
N GLN A 51 -7.24 -4.86 7.38
CA GLN A 51 -7.75 -3.49 7.36
C GLN A 51 -9.07 -3.47 6.59
N LYS A 52 -9.87 -2.43 6.80
CA LYS A 52 -11.14 -2.29 6.07
C LYS A 52 -10.81 -2.42 4.59
N MET A 53 -11.63 -3.16 3.84
CA MET A 53 -11.43 -3.36 2.38
C MET A 53 -10.29 -4.33 2.05
N GLY A 54 -9.51 -4.72 3.06
CA GLY A 54 -8.42 -5.65 2.81
C GLY A 54 -7.02 -5.13 2.51
N ALA A 55 -6.79 -3.82 2.61
CA ALA A 55 -5.47 -3.27 2.35
C ALA A 55 -5.25 -1.94 3.07
N PHE A 56 -4.00 -1.62 3.35
CA PHE A 56 -3.67 -0.37 4.06
C PHE A 56 -4.28 0.87 3.41
N LYS A 57 -4.43 0.83 2.09
CA LYS A 57 -4.96 1.94 1.30
C LYS A 57 -6.18 2.64 1.88
N PHE A 58 -6.98 1.92 2.66
CA PHE A 58 -8.17 2.50 3.25
C PHE A 58 -7.80 3.74 4.06
N ARG A 59 -6.64 3.67 4.71
CA ARG A 59 -6.13 4.76 5.54
C ARG A 59 -5.95 6.07 4.77
N GLY A 60 -5.10 6.03 3.73
CA GLY A 60 -4.85 7.22 2.94
C GLY A 60 -6.09 7.74 2.23
N ALA A 61 -6.91 6.82 1.73
CA ALA A 61 -8.13 7.20 1.04
C ALA A 61 -9.07 7.92 1.99
N LEU A 62 -9.35 7.33 3.15
CA LEU A 62 -10.25 7.94 4.11
C LEU A 62 -9.70 9.29 4.58
N ASN A 63 -8.42 9.33 4.93
CA ASN A 63 -7.82 10.58 5.38
C ASN A 63 -7.98 11.69 4.35
N ALA A 64 -7.74 11.38 3.08
CA ALA A 64 -7.87 12.36 2.02
C ALA A 64 -9.33 12.79 1.78
N LEU A 65 -10.24 11.83 1.77
CA LEU A 65 -11.66 12.15 1.52
C LEU A 65 -12.28 12.89 2.68
N SER A 66 -11.75 12.66 3.88
CA SER A 66 -12.25 13.30 5.08
C SER A 66 -11.88 14.78 5.12
N GLN A 67 -11.02 15.19 4.20
CA GLN A 67 -10.57 16.58 4.14
C GLN A 67 -11.07 17.37 2.92
N LEU A 68 -12.09 16.85 2.25
CA LEU A 68 -12.65 17.55 1.08
C LEU A 68 -13.74 18.50 1.55
N ASN A 69 -13.97 19.58 0.80
CA ASN A 69 -15.01 20.54 1.19
C ASN A 69 -16.38 20.05 0.76
N GLU A 70 -17.42 20.67 1.32
CA GLU A 70 -18.81 20.31 1.03
C GLU A 70 -19.16 20.20 -0.46
N ALA A 71 -18.77 21.20 -1.24
CA ALA A 71 -19.06 21.18 -2.67
C ALA A 71 -18.51 19.93 -3.33
N GLN A 72 -17.26 19.59 -3.01
CA GLN A 72 -16.63 18.39 -3.58
C GLN A 72 -17.32 17.13 -3.08
N ARG A 73 -17.63 17.09 -1.80
CA ARG A 73 -18.28 15.92 -1.21
C ARG A 73 -19.66 15.69 -1.85
N LYS A 74 -20.36 16.78 -2.16
CA LYS A 74 -21.68 16.66 -2.78
C LYS A 74 -21.55 16.26 -4.24
N ALA A 75 -20.51 16.77 -4.90
CA ALA A 75 -20.30 16.45 -6.31
C ALA A 75 -19.82 15.01 -6.48
N GLY A 76 -18.97 14.55 -5.56
CA GLY A 76 -18.46 13.20 -5.62
C GLY A 76 -17.02 13.07 -6.12
N VAL A 77 -16.51 11.85 -6.06
CA VAL A 77 -15.17 11.54 -6.50
C VAL A 77 -15.19 10.50 -7.61
N LEU A 78 -14.03 10.26 -8.22
CA LEU A 78 -13.90 9.30 -9.31
C LEU A 78 -12.52 8.67 -9.23
N THR A 79 -12.45 7.37 -9.50
CA THR A 79 -11.18 6.65 -9.45
C THR A 79 -11.07 5.74 -10.68
N PHE A 80 -9.84 5.48 -11.12
CA PHE A 80 -9.65 4.62 -12.29
C PHE A 80 -8.48 3.65 -12.12
N SER A 81 -7.99 3.57 -10.88
CA SER A 81 -6.89 2.70 -10.55
C SER A 81 -7.34 1.24 -10.62
N SER A 82 -6.47 0.38 -11.13
CA SER A 82 -6.75 -1.05 -11.23
C SER A 82 -6.34 -1.72 -9.93
N GLY A 83 -5.80 -0.92 -9.00
CA GLY A 83 -5.34 -1.48 -7.73
C GLY A 83 -6.28 -1.24 -6.56
N ASN A 84 -5.80 -1.54 -5.37
CA ASN A 84 -6.59 -1.38 -4.14
C ASN A 84 -7.09 0.03 -3.86
N HIS A 85 -6.49 1.03 -4.46
CA HIS A 85 -6.91 2.41 -4.22
C HIS A 85 -8.37 2.61 -4.62
N ALA A 86 -8.77 1.95 -5.71
CA ALA A 86 -10.14 2.07 -6.17
C ALA A 86 -11.17 1.67 -5.11
N GLN A 87 -11.01 0.50 -4.49
CA GLN A 87 -11.98 0.08 -3.49
C GLN A 87 -11.76 0.83 -2.18
N ALA A 88 -10.55 1.35 -1.99
CA ALA A 88 -10.27 2.13 -0.78
C ALA A 88 -11.12 3.38 -0.89
N ILE A 89 -11.11 3.99 -2.07
CA ILE A 89 -11.90 5.19 -2.32
C ILE A 89 -13.40 4.85 -2.27
N ALA A 90 -13.79 3.75 -2.91
CA ALA A 90 -15.22 3.40 -2.91
C ALA A 90 -15.79 3.29 -1.50
N LEU A 91 -15.10 2.53 -0.64
CA LEU A 91 -15.59 2.33 0.73
C LEU A 91 -15.50 3.59 1.57
N SER A 92 -14.40 4.32 1.46
CA SER A 92 -14.27 5.56 2.24
C SER A 92 -15.40 6.52 1.85
N ALA A 93 -15.62 6.67 0.55
CA ALA A 93 -16.66 7.58 0.05
C ALA A 93 -18.04 7.20 0.59
N LYS A 94 -18.35 5.90 0.61
CA LYS A 94 -19.63 5.44 1.14
C LYS A 94 -19.72 5.76 2.63
N ILE A 95 -18.65 5.51 3.35
CA ILE A 95 -18.62 5.79 4.77
C ILE A 95 -18.89 7.27 5.03
N LEU A 96 -18.36 8.12 4.18
CA LEU A 96 -18.52 9.57 4.33
C LEU A 96 -19.71 10.19 3.61
N GLY A 97 -20.52 9.36 2.96
CA GLY A 97 -21.69 9.86 2.24
C GLY A 97 -21.37 10.62 0.97
N ILE A 98 -20.24 10.27 0.34
CA ILE A 98 -19.78 10.90 -0.88
C ILE A 98 -20.03 9.97 -2.08
N PRO A 99 -20.64 10.48 -3.16
CA PRO A 99 -20.86 9.58 -4.31
C PRO A 99 -19.52 9.27 -4.97
N ALA A 100 -19.37 8.02 -5.43
CA ALA A 100 -18.13 7.61 -6.05
C ALA A 100 -18.33 6.83 -7.36
N LYS A 101 -17.63 7.25 -8.40
CA LYS A 101 -17.67 6.58 -9.69
C LYS A 101 -16.33 5.89 -9.86
N ILE A 102 -16.40 4.62 -10.24
CA ILE A 102 -15.23 3.77 -10.37
C ILE A 102 -15.10 3.21 -11.79
N ILE A 103 -14.03 3.58 -12.49
CA ILE A 103 -13.79 3.10 -13.85
C ILE A 103 -13.05 1.77 -13.76
N MET A 104 -13.65 0.73 -14.35
CA MET A 104 -13.07 -0.61 -14.32
C MET A 104 -13.10 -1.27 -15.70
N PRO A 105 -12.17 -2.20 -15.97
CA PRO A 105 -12.10 -2.91 -17.24
C PRO A 105 -13.30 -3.85 -17.38
N LEU A 106 -13.74 -4.08 -18.61
CA LEU A 106 -14.87 -4.95 -18.87
C LEU A 106 -14.68 -6.32 -18.25
N ASP A 107 -13.43 -6.78 -18.19
CA ASP A 107 -13.14 -8.09 -17.65
C ASP A 107 -12.59 -8.09 -16.22
N ALA A 108 -12.90 -7.05 -15.46
CA ALA A 108 -12.44 -6.99 -14.07
C ALA A 108 -12.94 -8.23 -13.32
N PRO A 109 -12.16 -8.73 -12.36
CA PRO A 109 -12.59 -9.93 -11.61
C PRO A 109 -13.96 -9.73 -10.97
N GLU A 110 -14.83 -10.75 -11.07
CA GLU A 110 -16.17 -10.68 -10.51
C GLU A 110 -16.18 -10.18 -9.08
N ALA A 111 -15.42 -10.85 -8.22
CA ALA A 111 -15.34 -10.50 -6.80
C ALA A 111 -15.02 -9.02 -6.57
N LYS A 112 -14.09 -8.47 -7.34
CA LYS A 112 -13.72 -7.07 -7.19
C LYS A 112 -14.88 -6.17 -7.61
N VAL A 113 -15.59 -6.56 -8.67
CA VAL A 113 -16.73 -5.77 -9.14
C VAL A 113 -17.84 -5.79 -8.09
N ALA A 114 -18.12 -6.97 -7.56
CA ALA A 114 -19.16 -7.11 -6.55
C ALA A 114 -18.78 -6.34 -5.28
N ALA A 115 -17.50 -6.35 -4.93
CA ALA A 115 -17.04 -5.65 -3.74
C ALA A 115 -17.28 -4.16 -3.92
N THR A 116 -16.91 -3.68 -5.09
CA THR A 116 -17.04 -2.28 -5.44
C THR A 116 -18.50 -1.82 -5.40
N LYS A 117 -19.41 -2.62 -5.95
CA LYS A 117 -20.83 -2.25 -5.93
C LYS A 117 -21.38 -2.42 -4.52
N GLY A 118 -20.79 -3.35 -3.76
CA GLY A 118 -21.21 -3.56 -2.40
C GLY A 118 -20.84 -2.34 -1.58
N TYR A 119 -19.81 -1.62 -2.03
CA TYR A 119 -19.38 -0.40 -1.34
C TYR A 119 -20.10 0.82 -1.91
N GLY A 120 -21.12 0.59 -2.71
CA GLY A 120 -21.90 1.67 -3.29
C GLY A 120 -21.27 2.41 -4.45
N GLY A 121 -20.19 1.86 -5.01
CA GLY A 121 -19.53 2.52 -6.12
C GLY A 121 -20.29 2.40 -7.43
N GLN A 122 -20.29 3.47 -8.22
CA GLN A 122 -20.97 3.46 -9.51
C GLN A 122 -19.93 3.06 -10.53
N VAL A 123 -20.05 1.83 -11.02
CA VAL A 123 -19.09 1.27 -11.97
C VAL A 123 -19.32 1.70 -13.41
N ILE A 124 -18.25 2.18 -14.03
CA ILE A 124 -18.22 2.62 -15.42
C ILE A 124 -17.16 1.71 -16.03
N MET A 125 -17.50 0.95 -17.06
CA MET A 125 -16.51 0.07 -17.64
C MET A 125 -15.90 0.55 -18.95
N TYR A 126 -14.71 0.04 -19.23
CA TYR A 126 -13.98 0.40 -20.44
C TYR A 126 -13.26 -0.84 -20.95
N ASP A 127 -12.89 -0.84 -22.23
CA ASP A 127 -12.21 -1.97 -22.83
C ASP A 127 -10.71 -1.97 -22.48
N ARG A 128 -10.27 -3.05 -21.83
CA ARG A 128 -8.89 -3.18 -21.40
C ARG A 128 -7.86 -3.01 -22.53
N TYR A 129 -8.20 -3.50 -23.71
CA TYR A 129 -7.30 -3.42 -24.85
C TYR A 129 -7.02 -1.98 -25.27
N LYS A 130 -7.94 -1.09 -24.92
CA LYS A 130 -7.80 0.33 -25.21
C LYS A 130 -7.78 1.06 -23.87
N ASP A 131 -6.63 1.06 -23.22
CA ASP A 131 -6.52 1.72 -21.93
C ASP A 131 -6.57 3.24 -22.03
N ASP A 132 -7.77 3.77 -22.25
CA ASP A 132 -7.95 5.22 -22.33
C ASP A 132 -8.63 5.69 -21.05
N ARG A 133 -8.31 5.02 -19.95
CA ARG A 133 -8.86 5.34 -18.64
C ARG A 133 -8.70 6.82 -18.31
N GLU A 134 -7.45 7.27 -18.26
CA GLU A 134 -7.16 8.66 -17.93
C GLU A 134 -7.94 9.64 -18.79
N LYS A 135 -8.00 9.36 -20.09
CA LYS A 135 -8.73 10.22 -21.00
C LYS A 135 -10.18 10.32 -20.49
N MET A 136 -10.78 9.16 -20.24
CA MET A 136 -12.16 9.10 -19.76
C MET A 136 -12.30 9.79 -18.40
N ALA A 137 -11.33 9.55 -17.52
CA ALA A 137 -11.35 10.13 -16.19
C ALA A 137 -11.32 11.64 -16.23
N LYS A 138 -10.50 12.20 -17.12
CA LYS A 138 -10.41 13.66 -17.21
C LYS A 138 -11.70 14.24 -17.75
N GLU A 139 -12.22 13.63 -18.81
CA GLU A 139 -13.45 14.09 -19.44
C GLU A 139 -14.61 14.04 -18.44
N ILE A 140 -14.77 12.91 -17.76
CA ILE A 140 -15.85 12.74 -16.79
C ILE A 140 -15.72 13.61 -15.54
N SER A 141 -14.53 13.63 -14.94
CA SER A 141 -14.33 14.41 -13.72
C SER A 141 -14.49 15.92 -13.94
N GLU A 142 -14.06 16.42 -15.09
CA GLU A 142 -14.19 17.84 -15.38
C GLU A 142 -15.64 18.22 -15.71
N ARG A 143 -16.33 17.36 -16.45
CA ARG A 143 -17.71 17.59 -16.83
C ARG A 143 -18.70 17.53 -15.66
N GLU A 144 -18.42 16.67 -14.69
CA GLU A 144 -19.29 16.50 -13.53
C GLU A 144 -18.72 17.08 -12.25
N GLY A 145 -17.58 17.76 -12.34
CA GLY A 145 -16.96 18.35 -11.16
C GLY A 145 -16.57 17.33 -10.10
N LEU A 146 -16.07 16.18 -10.53
CA LEU A 146 -15.67 15.12 -9.62
C LEU A 146 -14.20 15.24 -9.22
N THR A 147 -13.88 14.83 -7.99
CA THR A 147 -12.50 14.91 -7.51
C THR A 147 -11.80 13.55 -7.60
N ILE A 148 -10.54 13.58 -8.02
CA ILE A 148 -9.74 12.37 -8.15
C ILE A 148 -8.59 12.42 -7.16
N ILE A 149 -8.56 11.47 -6.23
CA ILE A 149 -7.50 11.41 -5.23
C ILE A 149 -6.39 10.49 -5.71
N PRO A 150 -5.15 11.01 -5.76
CA PRO A 150 -4.00 10.22 -6.20
C PRO A 150 -3.83 8.94 -5.39
N PRO A 151 -3.48 7.83 -6.04
CA PRO A 151 -3.30 6.57 -5.29
C PRO A 151 -2.12 6.59 -4.33
N TYR A 152 -1.19 7.52 -4.52
CA TYR A 152 -0.04 7.65 -3.63
C TYR A 152 0.60 9.03 -3.55
N ASP A 153 0.70 9.74 -4.67
CA ASP A 153 1.36 11.04 -4.66
C ASP A 153 0.51 12.21 -4.20
N HIS A 154 0.09 12.14 -2.94
CA HIS A 154 -0.72 13.19 -2.35
C HIS A 154 -0.33 13.26 -0.89
N PRO A 155 -0.13 14.46 -0.36
CA PRO A 155 0.25 14.61 1.03
C PRO A 155 -0.73 13.98 2.02
N HIS A 156 -2.03 14.08 1.75
CA HIS A 156 -3.03 13.52 2.65
C HIS A 156 -3.03 12.00 2.56
N VAL A 157 -2.82 11.48 1.36
CA VAL A 157 -2.81 10.04 1.16
C VAL A 157 -1.63 9.38 1.88
N LEU A 158 -0.43 9.91 1.68
CA LEU A 158 0.75 9.32 2.31
C LEU A 158 0.73 9.46 3.83
N ALA A 159 0.14 10.53 4.34
CA ALA A 159 0.08 10.70 5.78
C ALA A 159 -0.81 9.61 6.36
N GLY A 160 -1.89 9.31 5.65
CA GLY A 160 -2.79 8.26 6.11
C GLY A 160 -2.13 6.90 6.13
N GLN A 161 -1.46 6.53 5.04
CA GLN A 161 -0.79 5.23 4.96
C GLN A 161 0.19 5.10 6.14
N GLY A 162 0.85 6.22 6.44
CA GLY A 162 1.81 6.26 7.54
C GLY A 162 1.28 5.87 8.90
N THR A 163 -0.04 5.96 9.10
CA THR A 163 -0.63 5.61 10.39
C THR A 163 -0.51 4.12 10.72
N ALA A 164 -0.22 3.30 9.72
CA ALA A 164 -0.06 1.87 9.98
C ALA A 164 1.24 1.68 10.74
N ALA A 165 2.30 2.34 10.28
CA ALA A 165 3.61 2.25 10.93
C ALA A 165 3.48 2.82 12.34
N LYS A 166 2.80 3.95 12.45
CA LYS A 166 2.59 4.60 13.74
C LYS A 166 2.03 3.61 14.77
N GLU A 167 0.99 2.88 14.38
CA GLU A 167 0.35 1.91 15.26
C GLU A 167 1.28 0.75 15.63
N LEU A 168 2.10 0.32 14.68
CA LEU A 168 3.01 -0.78 14.92
C LEU A 168 3.88 -0.49 16.13
N PHE A 169 4.60 0.63 16.05
CA PHE A 169 5.49 1.06 17.13
C PHE A 169 4.79 1.23 18.48
N GLU A 170 3.57 1.74 18.45
CA GLU A 170 2.81 1.96 19.67
C GLU A 170 2.49 0.64 20.37
N GLU A 171 2.36 -0.42 19.58
CA GLU A 171 2.05 -1.72 20.16
C GLU A 171 3.30 -2.51 20.54
N VAL A 172 4.35 -2.40 19.73
CA VAL A 172 5.58 -3.14 19.98
C VAL A 172 6.79 -2.32 20.41
N GLY A 173 6.91 -1.10 19.91
CA GLY A 173 8.03 -0.26 20.31
C GLY A 173 9.08 -0.01 19.24
N PRO A 174 10.14 0.75 19.54
CA PRO A 174 11.23 1.07 18.61
C PRO A 174 11.72 -0.17 17.86
N LEU A 175 12.28 0.05 16.67
CA LEU A 175 12.75 -1.06 15.85
C LEU A 175 14.07 -0.75 15.16
N ASP A 176 14.86 -1.79 14.93
CA ASP A 176 16.15 -1.64 14.27
C ASP A 176 15.97 -1.55 12.77
N ALA A 177 14.93 -2.22 12.27
CA ALA A 177 14.66 -2.20 10.85
C ALA A 177 13.16 -2.32 10.57
N LEU A 178 12.75 -1.73 9.45
CA LEU A 178 11.36 -1.75 9.02
C LEU A 178 11.37 -1.99 7.51
N PHE A 179 10.69 -3.05 7.09
CA PHE A 179 10.60 -3.41 5.68
C PHE A 179 9.20 -3.05 5.18
N VAL A 180 9.15 -2.25 4.12
CA VAL A 180 7.87 -1.79 3.57
C VAL A 180 7.78 -1.96 2.06
N CYS A 181 6.60 -2.35 1.58
CA CYS A 181 6.37 -2.55 0.16
C CYS A 181 6.48 -1.22 -0.57
N LEU A 182 7.05 -1.22 -1.76
CA LEU A 182 7.19 0.01 -2.51
C LEU A 182 6.63 -0.04 -3.91
N GLY A 183 5.65 0.81 -4.15
CA GLY A 183 5.04 0.91 -5.47
C GLY A 183 5.21 2.35 -5.92
N GLY A 184 4.30 3.20 -5.49
CA GLY A 184 4.35 4.61 -5.82
C GLY A 184 5.05 5.38 -4.72
N GLY A 185 5.14 4.78 -3.54
CA GLY A 185 5.82 5.43 -2.43
C GLY A 185 4.96 5.97 -1.31
N GLY A 186 3.64 5.84 -1.44
CA GLY A 186 2.75 6.35 -0.40
C GLY A 186 2.97 5.65 0.93
N LEU A 187 2.94 4.32 0.91
CA LEU A 187 3.15 3.55 2.13
C LEU A 187 4.57 3.76 2.65
N LEU A 188 5.53 3.79 1.73
CA LEU A 188 6.93 3.96 2.09
C LEU A 188 7.23 5.28 2.78
N SER A 189 6.75 6.38 2.21
CA SER A 189 6.97 7.70 2.79
C SER A 189 6.31 7.87 4.16
N GLY A 190 5.03 7.52 4.25
CA GLY A 190 4.32 7.66 5.51
C GLY A 190 4.93 6.82 6.61
N SER A 191 5.33 5.61 6.25
CA SER A 191 5.94 4.70 7.23
C SER A 191 7.27 5.27 7.73
N ALA A 192 7.95 6.01 6.86
CA ALA A 192 9.23 6.60 7.22
C ALA A 192 9.05 7.65 8.31
N LEU A 193 7.94 8.40 8.23
CA LEU A 193 7.66 9.44 9.20
C LEU A 193 7.44 8.86 10.59
N ALA A 194 6.73 7.74 10.67
CA ALA A 194 6.47 7.10 11.95
C ALA A 194 7.77 6.54 12.52
N ALA A 195 8.50 5.79 11.71
CA ALA A 195 9.77 5.19 12.10
C ALA A 195 10.74 6.20 12.72
N ARG A 196 11.03 7.26 11.97
CA ARG A 196 11.94 8.30 12.45
C ARG A 196 11.51 8.93 13.78
N HIS A 197 10.23 8.82 14.12
CA HIS A 197 9.72 9.37 15.36
C HIS A 197 9.87 8.38 16.51
N PHE A 198 9.19 7.23 16.39
CA PHE A 198 9.23 6.22 17.45
C PHE A 198 10.57 5.52 17.63
N ALA A 199 11.36 5.44 16.57
CA ALA A 199 12.65 4.78 16.65
C ALA A 199 13.60 5.38 15.63
N PRO A 200 14.16 6.56 15.94
CA PRO A 200 15.09 7.27 15.06
C PRO A 200 16.27 6.42 14.59
N ASN A 201 16.60 5.39 15.36
CA ASN A 201 17.70 4.49 15.00
C ASN A 201 17.14 3.22 14.33
N CYS A 202 16.28 3.41 13.35
CA CYS A 202 15.69 2.27 12.65
C CYS A 202 16.04 2.27 11.17
N GLU A 203 16.48 1.13 10.67
CA GLU A 203 16.80 1.01 9.26
C GLU A 203 15.47 0.84 8.53
N VAL A 204 15.18 1.75 7.61
CA VAL A 204 13.93 1.69 6.87
C VAL A 204 14.19 1.27 5.44
N TYR A 205 13.62 0.13 5.05
CA TYR A 205 13.81 -0.36 3.70
C TYR A 205 12.52 -0.43 2.90
N GLY A 206 12.59 0.01 1.65
CA GLY A 206 11.46 -0.08 0.77
C GLY A 206 11.81 -1.33 -0.02
N VAL A 207 10.83 -1.98 -0.63
CA VAL A 207 11.11 -3.19 -1.40
C VAL A 207 10.28 -3.21 -2.67
N GLU A 208 10.96 -3.46 -3.80
CA GLU A 208 10.30 -3.51 -5.10
C GLU A 208 10.58 -4.83 -5.80
N PRO A 209 9.71 -5.20 -6.76
CA PRO A 209 9.95 -6.46 -7.47
C PRO A 209 11.18 -6.17 -8.34
N GLU A 210 12.14 -7.08 -8.37
CA GLU A 210 13.35 -6.86 -9.15
C GLU A 210 13.11 -6.41 -10.60
N ALA A 211 12.04 -6.89 -11.22
CA ALA A 211 11.74 -6.53 -12.60
C ALA A 211 11.31 -5.08 -12.78
N GLY A 212 11.09 -4.38 -11.67
CA GLY A 212 10.68 -2.99 -11.75
C GLY A 212 11.30 -2.19 -10.61
N ASN A 213 12.62 -2.03 -10.66
CA ASN A 213 13.31 -1.29 -9.61
C ASN A 213 13.48 0.18 -9.95
N ASP A 214 12.46 0.78 -10.57
CA ASP A 214 12.54 2.20 -10.92
C ASP A 214 12.75 3.02 -9.66
N GLY A 215 12.20 2.54 -8.55
CA GLY A 215 12.35 3.26 -7.30
C GLY A 215 13.80 3.23 -6.85
N GLN A 216 14.44 2.08 -7.01
CA GLN A 216 15.83 1.88 -6.62
C GLN A 216 16.73 2.80 -7.43
N GLN A 217 16.50 2.84 -8.74
CA GLN A 217 17.30 3.70 -9.62
C GLN A 217 17.10 5.15 -9.22
N SER A 218 15.87 5.52 -8.88
CA SER A 218 15.56 6.89 -8.49
C SER A 218 16.34 7.24 -7.22
N PHE A 219 16.32 6.32 -6.26
CA PHE A 219 17.01 6.48 -4.99
C PHE A 219 18.52 6.71 -5.19
N ARG A 220 19.09 6.03 -6.17
CA ARG A 220 20.51 6.14 -6.46
C ARG A 220 20.84 7.35 -7.33
N LYS A 221 20.01 7.57 -8.35
CA LYS A 221 20.18 8.69 -9.28
C LYS A 221 19.97 10.04 -8.58
N GLY A 222 19.09 10.06 -7.60
CA GLY A 222 18.79 11.30 -6.89
C GLY A 222 17.58 11.97 -7.49
N SER A 223 17.10 11.44 -8.62
CA SER A 223 15.94 11.99 -9.30
C SER A 223 15.06 10.86 -9.84
N ILE A 224 13.75 11.08 -9.79
CA ILE A 224 12.76 10.10 -10.25
C ILE A 224 12.99 9.53 -11.65
N VAL A 225 13.16 8.22 -11.73
CA VAL A 225 13.37 7.55 -13.00
C VAL A 225 12.09 6.79 -13.38
N HIS A 226 11.74 6.83 -14.66
CA HIS A 226 10.55 6.14 -15.15
C HIS A 226 10.96 4.89 -15.92
N ILE A 227 10.09 3.88 -15.93
CA ILE A 227 10.39 2.64 -16.63
C ILE A 227 9.13 2.04 -17.27
N ASP A 228 9.33 1.09 -18.17
CA ASP A 228 8.21 0.43 -18.81
C ASP A 228 7.57 -0.46 -17.75
N THR A 229 6.26 -0.68 -17.84
CA THR A 229 5.59 -1.51 -16.86
C THR A 229 6.28 -2.87 -16.78
N PRO A 230 6.71 -3.26 -15.56
CA PRO A 230 7.40 -4.53 -15.34
C PRO A 230 6.49 -5.75 -15.31
N LYS A 231 7.03 -6.87 -15.74
CA LYS A 231 6.30 -8.13 -15.74
C LYS A 231 6.62 -8.78 -14.40
N THR A 232 5.63 -8.81 -13.52
CA THR A 232 5.80 -9.38 -12.19
C THR A 232 4.45 -9.72 -11.59
N ILE A 233 4.45 -10.63 -10.62
CA ILE A 233 3.18 -11.00 -9.99
C ILE A 233 2.73 -10.00 -8.91
N ALA A 234 3.63 -9.08 -8.54
CA ALA A 234 3.30 -8.07 -7.53
C ALA A 234 2.51 -7.00 -8.27
N ASP A 235 1.30 -7.35 -8.66
CA ASP A 235 0.41 -6.47 -9.40
C ASP A 235 0.18 -5.12 -8.76
N GLY A 236 0.36 -5.04 -7.45
CA GLY A 236 0.15 -3.78 -6.74
C GLY A 236 1.41 -2.92 -6.67
N ALA A 237 2.49 -3.39 -7.29
CA ALA A 237 3.75 -2.65 -7.31
C ALA A 237 4.32 -2.52 -8.71
N GLN A 238 3.43 -2.45 -9.71
CA GLN A 238 3.84 -2.31 -11.10
C GLN A 238 3.85 -0.85 -11.57
N THR A 239 3.90 0.09 -10.63
CA THR A 239 3.92 1.51 -10.99
C THR A 239 5.16 1.79 -11.85
N GLN A 240 5.07 2.83 -12.68
CA GLN A 240 6.16 3.17 -13.58
C GLN A 240 7.09 4.27 -13.06
N HIS A 241 6.73 4.87 -11.93
CA HIS A 241 7.54 5.93 -11.35
C HIS A 241 7.00 6.38 -10.00
N LEU A 242 7.92 6.85 -9.15
CA LEU A 242 7.56 7.33 -7.83
C LEU A 242 6.85 8.67 -7.94
N GLY A 243 6.24 9.10 -6.84
CA GLY A 243 5.54 10.37 -6.83
C GLY A 243 6.45 11.45 -6.28
N ASN A 244 6.12 12.70 -6.56
CA ASN A 244 6.91 13.83 -6.10
C ASN A 244 7.01 13.89 -4.58
N TYR A 245 5.87 13.90 -3.91
CA TYR A 245 5.83 13.96 -2.45
C TYR A 245 6.43 12.72 -1.81
N THR A 246 6.18 11.56 -2.40
CA THR A 246 6.69 10.31 -1.87
C THR A 246 8.23 10.21 -1.93
N PHE A 247 8.78 10.46 -3.12
CA PHE A 247 10.23 10.40 -3.34
C PHE A 247 11.00 11.37 -2.44
N SER A 248 10.45 12.57 -2.27
CA SER A 248 11.08 13.58 -1.44
C SER A 248 11.33 13.07 -0.03
N ILE A 249 10.30 12.47 0.57
CA ILE A 249 10.44 11.93 1.90
C ILE A 249 11.36 10.70 1.89
N ILE A 250 11.25 9.91 0.82
CA ILE A 250 12.04 8.69 0.68
C ILE A 250 13.54 8.93 0.62
N LYS A 251 13.96 9.90 -0.18
CA LYS A 251 15.38 10.22 -0.32
C LYS A 251 15.97 10.78 0.98
N GLU A 252 15.10 11.29 1.85
CA GLU A 252 15.58 11.87 3.10
C GLU A 252 15.42 10.99 4.33
N LYS A 253 14.48 10.05 4.29
CA LYS A 253 14.25 9.18 5.46
C LYS A 253 14.36 7.69 5.19
N VAL A 254 14.54 7.30 3.94
CA VAL A 254 14.65 5.88 3.61
C VAL A 254 16.12 5.47 3.49
N ASP A 255 16.51 4.46 4.24
CA ASP A 255 17.90 3.99 4.21
C ASP A 255 18.30 3.30 2.90
N ASP A 256 17.41 2.52 2.31
CA ASP A 256 17.76 1.83 1.06
C ASP A 256 16.58 1.04 0.48
N ILE A 257 16.57 0.92 -0.85
CA ILE A 257 15.53 0.19 -1.57
C ILE A 257 16.05 -1.18 -1.99
N LEU A 258 15.35 -2.24 -1.57
CA LEU A 258 15.73 -3.61 -1.87
C LEU A 258 14.81 -4.21 -2.95
N THR A 259 15.23 -5.32 -3.55
CA THR A 259 14.40 -5.99 -4.55
C THR A 259 14.37 -7.49 -4.30
N VAL A 260 13.27 -8.13 -4.70
CA VAL A 260 13.12 -9.58 -4.54
C VAL A 260 12.51 -10.15 -5.83
N SER A 261 12.68 -11.45 -6.03
CA SER A 261 12.16 -12.12 -7.22
C SER A 261 10.74 -12.61 -6.98
N ASP A 262 10.04 -12.95 -8.06
CA ASP A 262 8.69 -13.47 -7.92
C ASP A 262 8.73 -14.81 -7.20
N GLU A 263 9.79 -15.59 -7.42
CA GLU A 263 9.91 -16.88 -6.74
C GLU A 263 9.89 -16.71 -5.24
N GLU A 264 10.60 -15.69 -4.76
CA GLU A 264 10.64 -15.43 -3.33
C GLU A 264 9.26 -14.96 -2.85
N LEU A 265 8.59 -14.14 -3.64
CA LEU A 265 7.26 -13.66 -3.26
C LEU A 265 6.35 -14.87 -3.08
N ILE A 266 6.40 -15.80 -4.04
CA ILE A 266 5.58 -17.00 -3.97
C ILE A 266 5.90 -17.81 -2.72
N ASP A 267 7.18 -17.96 -2.40
CA ASP A 267 7.54 -18.72 -1.20
C ASP A 267 6.97 -18.04 0.05
N CYS A 268 7.00 -16.71 0.08
CA CYS A 268 6.48 -15.98 1.24
C CYS A 268 4.97 -16.13 1.31
N LEU A 269 4.33 -16.07 0.15
CA LEU A 269 2.88 -16.21 0.11
C LEU A 269 2.47 -17.55 0.72
N LYS A 270 3.15 -18.63 0.35
CA LYS A 270 2.83 -19.96 0.89
C LYS A 270 3.13 -20.06 2.38
N PHE A 271 4.23 -19.44 2.81
CA PHE A 271 4.60 -19.45 4.22
C PHE A 271 3.49 -18.80 5.04
N TYR A 272 3.06 -17.61 4.63
CA TYR A 272 2.00 -16.91 5.34
C TYR A 272 0.76 -17.80 5.47
N ALA A 273 0.41 -18.48 4.39
CA ALA A 273 -0.77 -19.34 4.40
C ALA A 273 -0.63 -20.58 5.25
N ALA A 274 0.37 -21.41 4.97
CA ALA A 274 0.55 -22.65 5.73
C ALA A 274 1.10 -22.48 7.14
N ARG A 275 2.08 -21.59 7.30
CA ARG A 275 2.73 -21.38 8.59
C ARG A 275 2.12 -20.33 9.52
N MET A 276 1.49 -19.31 8.95
CA MET A 276 0.87 -18.28 9.77
C MET A 276 -0.65 -18.20 9.62
N LYS A 277 -1.18 -19.01 8.70
CA LYS A 277 -2.63 -19.11 8.46
C LYS A 277 -3.31 -17.83 8.01
N ILE A 278 -2.60 -16.98 7.29
CA ILE A 278 -3.22 -15.76 6.81
C ILE A 278 -3.07 -15.59 5.30
N VAL A 279 -4.10 -15.02 4.69
CA VAL A 279 -4.12 -14.77 3.26
C VAL A 279 -3.50 -13.41 2.95
N VAL A 280 -2.46 -13.43 2.12
CA VAL A 280 -1.76 -12.21 1.72
C VAL A 280 -1.59 -12.16 0.21
N GLU A 281 -1.83 -11.00 -0.40
CA GLU A 281 -1.65 -10.90 -1.85
C GLU A 281 -0.15 -10.78 -2.17
N PRO A 282 0.26 -11.24 -3.37
CA PRO A 282 1.65 -11.21 -3.82
C PRO A 282 2.45 -9.96 -3.47
N THR A 283 1.89 -8.80 -3.79
CA THR A 283 2.56 -7.53 -3.52
C THR A 283 2.79 -7.37 -2.02
N GLY A 284 1.89 -7.93 -1.21
CA GLY A 284 2.04 -7.83 0.23
C GLY A 284 3.16 -8.68 0.81
N CYS A 285 3.84 -9.43 -0.05
CA CYS A 285 4.93 -10.31 0.37
C CYS A 285 6.32 -9.72 0.15
N LEU A 286 6.39 -8.59 -0.52
CA LEU A 286 7.68 -7.96 -0.81
C LEU A 286 8.52 -7.75 0.46
N SER A 287 7.98 -7.02 1.43
CA SER A 287 8.71 -6.73 2.67
C SER A 287 9.23 -7.96 3.42
N PHE A 288 8.42 -9.01 3.52
CA PHE A 288 8.85 -10.22 4.22
C PHE A 288 9.96 -10.90 3.42
N ALA A 289 9.82 -10.94 2.10
CA ALA A 289 10.82 -11.58 1.25
C ALA A 289 12.17 -10.92 1.37
N ALA A 290 12.18 -9.58 1.31
CA ALA A 290 13.41 -8.81 1.40
C ALA A 290 14.07 -9.07 2.75
N ALA A 291 13.27 -9.07 3.80
CA ALA A 291 13.75 -9.31 5.14
C ALA A 291 14.41 -10.67 5.29
N ARG A 292 13.75 -11.71 4.77
CA ARG A 292 14.31 -13.06 4.86
C ARG A 292 15.66 -13.13 4.15
N ALA A 293 15.76 -12.41 3.03
CA ALA A 293 17.00 -12.40 2.24
C ALA A 293 18.20 -11.85 3.00
N MET A 294 17.96 -10.97 3.97
CA MET A 294 19.07 -10.41 4.73
C MET A 294 18.95 -10.73 6.21
N LYS A 295 18.31 -11.85 6.52
CA LYS A 295 18.11 -12.25 7.90
C LYS A 295 19.44 -12.42 8.64
N GLU A 296 20.48 -12.83 7.92
CA GLU A 296 21.79 -13.02 8.53
C GLU A 296 22.27 -11.70 9.14
N LYS A 297 21.80 -10.59 8.59
CA LYS A 297 22.19 -9.27 9.06
C LYS A 297 21.21 -8.69 10.09
N LEU A 298 20.27 -9.51 10.55
CA LEU A 298 19.28 -9.05 11.52
C LEU A 298 19.28 -9.80 12.85
N LYS A 299 20.38 -10.48 13.15
CA LYS A 299 20.48 -11.23 14.39
C LYS A 299 20.26 -10.35 15.62
N ASN A 300 19.51 -10.87 16.59
CA ASN A 300 19.20 -10.18 17.83
C ASN A 300 18.69 -8.76 17.72
N LYS A 301 17.90 -8.49 16.70
CA LYS A 301 17.32 -7.17 16.51
C LYS A 301 15.80 -7.33 16.53
N ARG A 302 15.09 -6.20 16.52
CA ARG A 302 13.63 -6.20 16.52
C ARG A 302 13.28 -5.68 15.13
N ILE A 303 12.66 -6.53 14.33
CA ILE A 303 12.31 -6.16 12.97
C ILE A 303 10.82 -5.99 12.75
N GLY A 304 10.48 -5.03 11.90
CA GLY A 304 9.09 -4.76 11.59
C GLY A 304 8.78 -5.07 10.14
N ILE A 305 7.70 -5.79 9.91
CA ILE A 305 7.30 -6.14 8.55
C ILE A 305 5.85 -5.76 8.30
N ILE A 306 5.63 -4.90 7.31
CA ILE A 306 4.29 -4.46 6.95
C ILE A 306 3.70 -5.40 5.89
N ILE A 307 2.50 -5.90 6.14
CA ILE A 307 1.81 -6.75 5.17
C ILE A 307 0.76 -5.79 4.61
N SER A 308 1.05 -5.25 3.43
CA SER A 308 0.20 -4.25 2.78
C SER A 308 -1.24 -4.65 2.44
N GLY A 309 -1.50 -5.91 2.16
CA GLY A 309 -2.86 -6.29 1.82
C GLY A 309 -3.11 -7.75 1.53
N GLY A 310 -4.38 -8.13 1.48
CA GLY A 310 -4.73 -9.52 1.21
C GLY A 310 -5.76 -9.69 0.11
N ASN A 311 -5.82 -8.72 -0.82
CA ASN A 311 -6.80 -8.79 -1.89
C ASN A 311 -6.23 -9.44 -3.14
N VAL A 312 -6.28 -10.76 -3.16
CA VAL A 312 -5.78 -11.51 -4.30
C VAL A 312 -6.92 -12.35 -4.86
N ASP A 313 -7.14 -12.25 -6.17
CA ASP A 313 -8.18 -13.06 -6.82
C ASP A 313 -7.98 -14.48 -6.35
N ILE A 314 -9.04 -15.11 -5.85
CA ILE A 314 -8.93 -16.47 -5.33
C ILE A 314 -8.32 -17.46 -6.34
N GLU A 315 -8.50 -17.21 -7.63
CA GLU A 315 -7.96 -18.07 -8.69
C GLU A 315 -6.44 -17.94 -8.78
N ARG A 316 -5.93 -16.72 -8.71
CA ARG A 316 -4.48 -16.50 -8.76
C ARG A 316 -3.92 -17.04 -7.45
N TYR A 317 -4.64 -16.82 -6.36
CA TYR A 317 -4.18 -17.31 -5.07
C TYR A 317 -4.00 -18.82 -5.10
N ALA A 318 -5.01 -19.53 -5.59
CA ALA A 318 -4.97 -20.98 -5.69
C ALA A 318 -3.80 -21.39 -6.58
N HIS A 319 -3.63 -20.64 -7.65
CA HIS A 319 -2.57 -20.90 -8.62
C HIS A 319 -1.21 -20.76 -7.97
N PHE A 320 -0.97 -19.66 -7.26
CA PHE A 320 0.33 -19.48 -6.61
C PHE A 320 0.58 -20.51 -5.52
N LEU A 321 -0.46 -20.82 -4.74
CA LEU A 321 -0.30 -21.79 -3.66
C LEU A 321 0.13 -23.17 -4.16
N SER A 322 -0.22 -23.49 -5.40
CA SER A 322 0.12 -24.79 -5.97
C SER A 322 1.40 -24.76 -6.83
N GLN A 323 2.07 -23.61 -6.87
CA GLN A 323 3.30 -23.46 -7.63
C GLN A 323 4.49 -24.04 -6.86
#